data_8AMU
#
_entry.id   8AMU
#
_cell.length_a   49.234
_cell.length_b   33.619
_cell.length_c   289.672
_cell.angle_alpha   90.000
_cell.angle_beta   93.510
_cell.angle_gamma   90.000
#
_symmetry.space_group_name_H-M   'P 1 21 1'
#
loop_
_entity.id
_entity.type
_entity.pdbx_description
1 polymer 'Replication protein RepB'
2 polymer "DNA (5'-D(*TP*CP*GP*GP*CP*GP*AP*CP*TP*TP*TP*TP*CP*GP*GP*CP*GP*AP*CP*TP*TP*TP*T)-3')"
3 polymer "DNA (5'-D(*AP*AP*AP*AP*GP*TP*CP*GP*CP*CP*GP*AP*AP*AP*AP*GP*TP*CP*GP*CP*CP*GP*A)-3')"
4 non-polymer 'MANGANESE (II) ION'
5 water water
#
loop_
_entity_poly.entity_id
_entity_poly.type
_entity_poly.pdbx_seq_one_letter_code
_entity_poly.pdbx_strand_id
1 'polypeptide(L)'
;MKHHHHHHQAKEKARYFTFLLYPESIPSDWELKLETLGVPMAISPLHDKDKSSIKGQKYKKAHYHVLYIAKNPVTADSVR
KKIKLLLGEKSLAMVQVVLNVENMYLYLTHESKDAIAKKKHVYDKADIKLINNFDIDRYV
;
A,B,E,F
2 'polydeoxyribonucleotide'
;(DT)(DC)(DG)(DG)(DC)(DG)(DA)(DC)(DT)(DT)(DT)(DT)(DC)(DG)(DG)(DC)(DG)(DA)(DC)(DT)
(DT)(DT)(DT)
;
C,G
3 'polydeoxyribonucleotide'
;(DA)(DA)(DA)(DA)(DG)(DT)(DC)(DG)(DC)(DC)(DG)(DA)(DA)(DA)(DA)(DG)(DT)(DC)(DG)(DC)
(DC)(DG)(DA)
;
D,H
#
loop_
_chem_comp.id
_chem_comp.type
_chem_comp.name
_chem_comp.formula
DA DNA linking 2'-DEOXYADENOSINE-5'-MONOPHOSPHATE 'C10 H14 N5 O6 P'
DC DNA linking 2'-DEOXYCYTIDINE-5'-MONOPHOSPHATE 'C9 H14 N3 O7 P'
DG DNA linking 2'-DEOXYGUANOSINE-5'-MONOPHOSPHATE 'C10 H14 N5 O7 P'
DT DNA linking THYMIDINE-5'-MONOPHOSPHATE 'C10 H15 N2 O8 P'
MN non-polymer 'MANGANESE (II) ION' 'Mn 2'
#
# COMPACT_ATOMS: atom_id res chain seq x y z
N ALA A 10 -55.80 34.48 5.87
CA ALA A 10 -55.83 33.03 5.79
C ALA A 10 -56.81 32.52 4.71
N LYS A 11 -56.25 31.76 3.76
CA LYS A 11 -56.89 31.06 2.64
C LYS A 11 -57.34 29.66 3.07
N GLU A 12 -58.26 29.08 2.31
CA GLU A 12 -58.80 27.74 2.61
C GLU A 12 -57.86 26.61 2.23
N LYS A 13 -57.69 25.66 3.16
CA LYS A 13 -56.92 24.45 2.89
C LYS A 13 -57.88 23.31 2.58
N ALA A 14 -57.49 22.49 1.61
CA ALA A 14 -58.39 21.44 1.17
C ALA A 14 -57.58 20.35 0.52
N ARG A 15 -58.19 19.19 0.39
CA ARG A 15 -57.57 18.06 -0.29
C ARG A 15 -58.10 17.84 -1.71
N TYR A 16 -59.34 18.24 -2.02
CA TYR A 16 -59.99 17.97 -3.31
C TYR A 16 -60.02 19.19 -4.24
N PHE A 17 -59.58 19.02 -5.48
CA PHE A 17 -59.56 20.16 -6.39
C PHE A 17 -60.04 19.78 -7.79
N THR A 18 -60.51 20.80 -8.48
CA THR A 18 -60.80 20.69 -9.90
C THR A 18 -60.33 21.96 -10.58
N PHE A 19 -59.82 21.77 -11.79
CA PHE A 19 -59.29 22.87 -12.59
C PHE A 19 -59.45 22.41 -14.02
N LEU A 20 -59.20 23.31 -14.96
CA LEU A 20 -59.32 22.99 -16.39
C LEU A 20 -57.95 22.97 -17.07
N LEU A 21 -57.81 22.04 -18.02
CA LEU A 21 -56.62 21.94 -18.87
C LEU A 21 -56.96 22.23 -20.32
N TYR A 22 -56.21 23.13 -20.93
CA TYR A 22 -56.47 23.44 -22.33
C TYR A 22 -55.46 22.72 -23.22
N PRO A 23 -55.88 22.00 -24.27
CA PRO A 23 -54.89 21.25 -25.07
C PRO A 23 -53.86 22.13 -25.74
N GLU A 24 -54.23 23.36 -26.12
CA GLU A 24 -53.28 24.26 -26.75
C GLU A 24 -52.09 24.54 -25.84
N SER A 25 -52.37 24.93 -24.60
CA SER A 25 -51.29 25.35 -23.70
C SER A 25 -50.55 24.18 -23.01
N ILE A 26 -50.75 22.93 -23.41
CA ILE A 26 -50.06 21.84 -22.72
C ILE A 26 -49.22 21.00 -23.67
N PRO A 27 -48.08 20.49 -23.21
CA PRO A 27 -47.19 19.66 -24.04
C PRO A 27 -47.83 18.34 -24.42
N SER A 28 -47.30 17.73 -25.48
CA SER A 28 -47.77 16.43 -25.97
C SER A 28 -47.92 15.40 -24.85
N ASP A 29 -46.93 15.36 -23.96
CA ASP A 29 -46.87 14.30 -22.96
C ASP A 29 -47.45 14.74 -21.64
N TRP A 30 -48.39 15.70 -21.68
CA TRP A 30 -49.05 16.17 -20.47
C TRP A 30 -49.59 15.00 -19.65
N GLU A 31 -50.28 14.05 -20.29
CA GLU A 31 -50.89 12.97 -19.52
C GLU A 31 -49.84 12.25 -18.68
N LEU A 32 -48.71 11.90 -19.27
CA LEU A 32 -47.67 11.23 -18.51
C LEU A 32 -47.07 12.16 -17.45
N LYS A 33 -47.02 13.45 -17.75
CA LYS A 33 -46.44 14.41 -16.80
C LYS A 33 -47.33 14.61 -15.59
N LEU A 34 -48.64 14.41 -15.72
CA LEU A 34 -49.47 14.47 -14.53
C LEU A 34 -49.23 13.27 -13.64
N GLU A 35 -48.88 12.13 -14.25
CA GLU A 35 -48.60 10.93 -13.48
C GLU A 35 -47.39 11.12 -12.57
N THR A 36 -46.40 11.90 -13.03
CA THR A 36 -45.22 12.19 -12.21
C THR A 36 -45.58 12.79 -10.86
N LEU A 37 -46.58 13.68 -10.80
CA LEU A 37 -46.86 14.29 -9.50
C LEU A 37 -47.22 13.24 -8.49
N GLY A 38 -47.64 12.06 -8.95
CA GLY A 38 -47.83 10.94 -8.07
C GLY A 38 -49.11 11.06 -7.31
N VAL A 39 -50.11 11.69 -7.91
CA VAL A 39 -51.31 12.04 -7.17
C VAL A 39 -52.52 11.43 -7.88
N PRO A 40 -53.52 10.94 -7.14
CA PRO A 40 -54.73 10.44 -7.80
C PRO A 40 -55.43 11.59 -8.50
N MET A 41 -55.59 11.42 -9.82
CA MET A 41 -56.26 12.38 -10.70
C MET A 41 -57.28 11.62 -11.49
N ALA A 42 -58.29 12.34 -11.96
CA ALA A 42 -59.30 11.81 -12.86
C ALA A 42 -59.55 12.84 -13.94
N ILE A 43 -59.29 12.51 -15.20
CA ILE A 43 -59.29 13.52 -16.27
C ILE A 43 -60.48 13.33 -17.18
N SER A 44 -61.36 14.32 -17.20
CA SER A 44 -62.56 14.33 -18.01
C SER A 44 -62.25 13.90 -19.43
N PRO A 45 -63.22 13.39 -20.17
CA PRO A 45 -63.01 13.20 -21.59
C PRO A 45 -62.92 14.59 -22.20
N LEU A 46 -62.41 14.68 -23.43
CA LEU A 46 -62.19 16.00 -24.00
C LEU A 46 -63.50 16.71 -24.23
N HIS A 47 -63.59 17.95 -23.77
CA HIS A 47 -64.82 18.73 -23.80
C HIS A 47 -64.88 19.65 -25.04
N ASP A 48 -64.92 19.04 -26.21
CA ASP A 48 -64.99 19.82 -27.43
C ASP A 48 -66.41 20.22 -27.86
N LYS A 49 -67.48 19.82 -27.15
CA LYS A 49 -68.79 20.24 -27.67
C LYS A 49 -69.69 20.77 -26.55
N ASP A 50 -69.13 21.57 -25.65
CA ASP A 50 -69.92 22.29 -24.66
C ASP A 50 -70.66 23.44 -25.31
N LYS A 51 -71.88 23.67 -24.89
CA LYS A 51 -72.66 24.75 -25.50
C LYS A 51 -72.15 26.09 -24.96
N SER A 52 -71.82 27.00 -25.87
CA SER A 52 -71.26 28.29 -25.46
C SER A 52 -72.40 29.17 -24.98
N SER A 53 -72.12 30.02 -24.04
CA SER A 53 -73.22 30.83 -23.54
C SER A 53 -73.49 32.08 -24.37
N ILE A 54 -72.97 32.19 -25.60
CA ILE A 54 -73.13 33.41 -26.40
C ILE A 54 -73.87 33.08 -27.68
N LYS A 55 -74.64 34.04 -28.17
CA LYS A 55 -75.44 33.72 -29.32
C LYS A 55 -74.51 33.55 -30.51
N GLY A 56 -74.85 32.61 -31.40
CA GLY A 56 -74.11 32.40 -32.62
C GLY A 56 -72.73 31.83 -32.37
N GLN A 57 -72.47 31.39 -31.15
CA GLN A 57 -71.21 30.80 -30.79
C GLN A 57 -71.55 29.34 -30.59
N LYS A 58 -71.07 28.46 -31.47
CA LYS A 58 -71.61 27.14 -31.20
C LYS A 58 -70.93 26.53 -29.97
N TYR A 59 -69.67 26.08 -30.09
CA TYR A 59 -69.02 25.36 -28.98
C TYR A 59 -68.05 26.22 -28.23
N LYS A 60 -67.68 25.74 -27.03
CA LYS A 60 -66.60 26.32 -26.26
C LYS A 60 -65.27 25.71 -26.73
N LYS A 61 -64.18 26.34 -26.30
CA LYS A 61 -62.85 25.87 -26.69
C LYS A 61 -62.57 24.56 -26.00
N ALA A 62 -61.86 23.69 -26.70
CA ALA A 62 -61.55 22.39 -26.14
C ALA A 62 -60.92 22.56 -24.77
N HIS A 63 -61.40 21.78 -23.80
CA HIS A 63 -60.84 21.79 -22.45
C HIS A 63 -60.90 20.38 -21.91
N TYR A 64 -60.30 20.21 -20.73
CA TYR A 64 -60.34 18.99 -19.95
C TYR A 64 -60.68 19.39 -18.52
N HIS A 65 -61.36 18.53 -17.79
CA HIS A 65 -61.57 18.85 -16.40
C HIS A 65 -60.78 17.88 -15.57
N VAL A 66 -59.81 18.38 -14.87
CA VAL A 66 -59.05 17.48 -14.05
C VAL A 66 -59.61 17.60 -12.67
N LEU A 67 -59.65 16.45 -12.00
CA LEU A 67 -60.15 16.23 -10.66
C LEU A 67 -59.01 15.69 -9.79
N TYR A 68 -58.59 16.50 -8.83
CA TYR A 68 -57.28 16.43 -8.22
C TYR A 68 -57.39 16.26 -6.71
N ILE A 69 -56.78 15.19 -6.19
CA ILE A 69 -56.80 14.76 -4.80
C ILE A 69 -55.41 14.91 -4.15
N ALA A 70 -55.12 16.08 -3.56
CA ALA A 70 -53.85 16.29 -2.86
C ALA A 70 -53.70 15.38 -1.65
N LYS A 71 -52.46 15.01 -1.33
CA LYS A 71 -52.28 14.05 -0.23
C LYS A 71 -52.55 14.68 1.13
N ASN A 72 -52.45 16.00 1.27
CA ASN A 72 -52.76 16.68 2.51
C ASN A 72 -53.47 17.99 2.19
N PRO A 73 -54.24 18.53 3.13
CA PRO A 73 -54.91 19.79 2.83
C PRO A 73 -53.87 20.83 2.43
N VAL A 74 -53.98 21.27 1.19
CA VAL A 74 -53.10 22.27 0.65
C VAL A 74 -54.01 23.33 0.05
N THR A 75 -53.44 24.42 -0.45
CA THR A 75 -54.22 25.60 -0.82
C THR A 75 -54.45 25.65 -2.31
N ALA A 76 -55.61 26.20 -2.70
CA ALA A 76 -55.90 26.37 -4.11
C ALA A 76 -54.66 26.84 -4.90
N ASP A 77 -54.02 27.92 -4.41
CA ASP A 77 -52.86 28.54 -5.08
C ASP A 77 -51.74 27.54 -5.32
N SER A 78 -51.39 26.77 -4.30
CA SER A 78 -50.38 25.71 -4.41
C SER A 78 -50.59 24.85 -5.64
N VAL A 79 -51.80 24.30 -5.80
CA VAL A 79 -52.06 23.39 -6.91
C VAL A 79 -51.79 24.09 -8.21
N ARG A 80 -52.21 25.37 -8.28
CA ARG A 80 -51.97 26.23 -9.42
C ARG A 80 -50.48 26.35 -9.72
N LYS A 81 -49.65 26.74 -8.72
CA LYS A 81 -48.22 26.60 -8.97
C LYS A 81 -47.81 25.22 -9.33
N LYS A 82 -48.30 24.21 -8.63
CA LYS A 82 -47.76 22.90 -8.92
C LYS A 82 -47.94 22.53 -10.40
N ILE A 83 -49.02 23.00 -11.04
CA ILE A 83 -49.34 22.62 -12.42
C ILE A 83 -48.80 23.62 -13.43
N LYS A 84 -48.71 24.89 -13.06
CA LYS A 84 -48.08 25.81 -13.98
C LYS A 84 -46.68 25.32 -14.29
N LEU A 85 -45.92 24.99 -13.23
CA LEU A 85 -44.55 24.51 -13.35
C LEU A 85 -44.49 23.22 -14.14
N LEU A 86 -45.56 22.41 -14.10
CA LEU A 86 -45.52 21.12 -14.76
C LEU A 86 -45.84 21.22 -16.25
N LEU A 87 -46.87 22.00 -16.62
CA LEU A 87 -47.33 22.06 -18.00
C LEU A 87 -47.24 23.45 -18.64
N GLY A 88 -46.67 24.43 -17.96
CA GLY A 88 -46.59 25.72 -18.62
C GLY A 88 -47.43 26.76 -17.90
N GLU A 89 -46.96 28.02 -17.95
CA GLU A 89 -47.63 29.04 -17.16
C GLU A 89 -49.08 29.19 -17.55
N LYS A 90 -49.42 28.99 -18.82
CA LYS A 90 -50.80 29.16 -19.25
C LYS A 90 -51.57 27.85 -19.41
N SER A 91 -50.99 26.72 -18.95
CA SER A 91 -51.60 25.41 -19.13
C SER A 91 -53.03 25.32 -18.61
N LEU A 92 -53.27 25.78 -17.38
CA LEU A 92 -54.52 25.48 -16.70
C LEU A 92 -55.37 26.73 -16.51
N ALA A 93 -56.55 26.53 -15.88
CA ALA A 93 -57.40 27.64 -15.48
C ALA A 93 -58.44 27.22 -14.45
N MET A 94 -58.88 28.25 -13.67
CA MET A 94 -60.03 28.25 -12.74
C MET A 94 -60.04 27.07 -11.76
N VAL A 95 -58.95 26.95 -11.01
CA VAL A 95 -58.83 25.91 -10.00
C VAL A 95 -59.73 26.24 -8.83
N GLN A 96 -60.52 25.26 -8.43
CA GLN A 96 -61.42 25.52 -7.32
C GLN A 96 -61.40 24.32 -6.42
N VAL A 97 -61.82 24.55 -5.21
CA VAL A 97 -61.91 23.46 -4.26
C VAL A 97 -63.20 22.71 -4.54
N VAL A 98 -63.15 21.38 -4.41
CA VAL A 98 -64.28 20.50 -4.67
C VAL A 98 -64.83 20.06 -3.33
N LEU A 99 -66.13 20.26 -3.13
CA LEU A 99 -66.77 19.92 -1.86
C LEU A 99 -67.38 18.52 -1.89
N ASN A 100 -67.86 18.11 -3.05
CA ASN A 100 -68.42 16.77 -3.23
C ASN A 100 -67.72 16.10 -4.41
N VAL A 101 -66.91 15.07 -4.14
CA VAL A 101 -66.15 14.48 -5.25
C VAL A 101 -67.10 13.81 -6.23
N GLU A 102 -67.92 12.88 -5.72
CA GLU A 102 -68.87 12.12 -6.53
C GLU A 102 -69.63 12.99 -7.52
N ASN A 103 -70.28 14.05 -7.05
CA ASN A 103 -71.04 14.88 -7.98
C ASN A 103 -70.11 15.43 -9.03
N MET A 104 -68.96 15.95 -8.60
CA MET A 104 -67.98 16.49 -9.53
C MET A 104 -67.25 15.37 -10.33
N TYR A 105 -67.29 14.10 -9.89
CA TYR A 105 -66.83 13.04 -10.78
C TYR A 105 -67.82 12.85 -11.93
N LEU A 106 -69.11 12.74 -11.63
CA LEU A 106 -70.07 12.57 -12.71
C LEU A 106 -70.16 13.80 -13.59
N TYR A 107 -69.74 14.96 -13.10
CA TYR A 107 -69.78 16.15 -13.94
C TYR A 107 -68.76 16.07 -15.08
N LEU A 108 -67.73 15.26 -14.98
CA LEU A 108 -66.82 15.16 -16.11
C LEU A 108 -67.53 14.63 -17.34
N THR A 109 -68.65 13.93 -17.18
CA THR A 109 -69.42 13.45 -18.32
C THR A 109 -70.73 14.19 -18.47
N HIS A 110 -70.95 15.21 -17.65
CA HIS A 110 -72.19 15.95 -17.68
C HIS A 110 -73.37 15.04 -17.37
N GLU A 111 -73.14 14.11 -16.44
CA GLU A 111 -74.15 13.18 -15.95
C GLU A 111 -74.33 13.29 -14.46
N SER A 112 -74.12 14.47 -13.94
CA SER A 112 -74.46 14.80 -12.57
C SER A 112 -75.90 15.31 -12.54
N LYS A 113 -76.37 15.71 -11.36
CA LYS A 113 -77.72 16.26 -11.28
C LYS A 113 -77.78 17.57 -12.02
N ASP A 114 -76.90 18.50 -11.68
CA ASP A 114 -76.91 19.83 -12.28
C ASP A 114 -76.63 19.80 -13.79
N ALA A 115 -75.79 18.88 -14.27
CA ALA A 115 -75.47 18.85 -15.70
C ALA A 115 -76.65 18.35 -16.54
N ILE A 116 -77.24 17.22 -16.17
CA ILE A 116 -78.45 16.73 -16.81
C ILE A 116 -79.61 17.74 -16.62
N ALA A 117 -79.60 18.45 -15.48
CA ALA A 117 -80.61 19.45 -15.22
C ALA A 117 -80.56 20.55 -16.25
N LYS A 118 -79.36 21.05 -16.51
CA LYS A 118 -79.17 22.15 -17.44
C LYS A 118 -78.90 21.67 -18.88
N LYS A 119 -79.19 20.42 -19.19
CA LYS A 119 -79.19 19.92 -20.57
C LYS A 119 -77.81 19.94 -21.20
N LYS A 120 -76.75 19.74 -20.42
CA LYS A 120 -75.39 19.77 -20.94
C LYS A 120 -75.08 18.51 -21.76
N HIS A 121 -74.18 18.67 -22.75
CA HIS A 121 -73.86 17.58 -23.67
C HIS A 121 -73.16 16.48 -22.89
N VAL A 122 -73.65 15.26 -23.03
CA VAL A 122 -73.15 14.17 -22.21
C VAL A 122 -72.16 13.37 -23.06
N TYR A 123 -70.94 13.26 -22.54
CA TYR A 123 -69.81 12.59 -23.13
C TYR A 123 -69.76 11.13 -22.63
N ASP A 124 -68.85 10.36 -23.20
CA ASP A 124 -68.75 8.93 -22.95
C ASP A 124 -67.71 8.56 -21.90
N LYS A 125 -68.15 7.83 -20.89
CA LYS A 125 -67.27 7.41 -19.80
C LYS A 125 -65.96 6.84 -20.31
N ALA A 126 -66.03 6.04 -21.37
CA ALA A 126 -64.88 5.23 -21.81
C ALA A 126 -63.61 6.03 -21.96
N ASP A 127 -63.76 7.31 -22.31
CA ASP A 127 -62.68 8.24 -22.54
C ASP A 127 -62.10 8.82 -21.26
N ILE A 128 -62.80 8.70 -20.12
CA ILE A 128 -62.22 9.18 -18.87
C ILE A 128 -60.89 8.52 -18.63
N LYS A 129 -59.94 9.30 -18.12
CA LYS A 129 -58.62 8.84 -17.78
C LYS A 129 -58.44 8.98 -16.28
N LEU A 130 -57.98 7.91 -15.65
CA LEU A 130 -57.65 7.93 -14.23
C LEU A 130 -56.12 7.88 -14.06
N ILE A 131 -55.56 8.80 -13.32
CA ILE A 131 -54.12 8.84 -13.13
C ILE A 131 -53.75 8.44 -11.71
N ASN A 132 -52.80 7.51 -11.61
CA ASN A 132 -52.34 6.97 -10.34
C ASN A 132 -53.46 6.30 -9.56
N ASN A 133 -54.18 5.40 -10.23
CA ASN A 133 -55.13 4.52 -9.55
C ASN A 133 -56.24 5.29 -8.83
N PHE A 134 -56.71 6.37 -9.45
CA PHE A 134 -57.90 7.07 -8.98
C PHE A 134 -59.06 6.07 -8.87
N ASP A 135 -59.54 5.83 -7.65
CA ASP A 135 -60.63 4.90 -7.38
C ASP A 135 -61.78 5.68 -6.79
N ILE A 136 -62.76 6.05 -7.63
CA ILE A 136 -63.85 6.93 -7.20
C ILE A 136 -64.53 6.42 -5.92
N ASP A 137 -64.61 5.10 -5.75
CA ASP A 137 -65.31 4.53 -4.61
C ASP A 137 -64.68 4.92 -3.27
N ARG A 138 -63.35 5.02 -3.21
CA ARG A 138 -62.75 5.31 -1.91
C ARG A 138 -63.19 6.67 -1.39
N TYR A 139 -63.60 7.57 -2.31
CA TYR A 139 -63.87 8.95 -1.94
C TYR A 139 -65.26 9.19 -1.38
N VAL A 140 -66.21 8.26 -1.54
CA VAL A 140 -67.48 8.40 -0.82
C VAL A 140 -67.32 7.75 0.56
N ALA B 10 -26.38 18.28 12.19
CA ALA B 10 -27.00 16.96 12.26
C ALA B 10 -27.17 16.30 10.87
N LYS B 11 -26.07 15.97 10.20
CA LYS B 11 -26.18 15.34 8.89
C LYS B 11 -26.51 13.87 9.09
N GLU B 12 -27.15 13.29 8.08
CA GLU B 12 -27.56 11.89 8.15
C GLU B 12 -26.34 10.99 7.93
N LYS B 13 -26.09 10.08 8.87
CA LYS B 13 -25.03 9.07 8.74
C LYS B 13 -25.67 7.74 8.37
N ALA B 14 -25.08 7.03 7.41
CA ALA B 14 -25.71 5.85 6.85
C ALA B 14 -24.66 4.95 6.24
N ARG B 15 -25.10 3.75 5.87
CA ARG B 15 -24.25 2.73 5.28
C ARG B 15 -24.37 2.58 3.76
N TYR B 16 -25.56 2.77 3.17
CA TYR B 16 -25.80 2.52 1.76
C TYR B 16 -25.93 3.82 0.96
N PHE B 17 -25.17 3.94 -0.14
CA PHE B 17 -25.17 5.15 -0.95
C PHE B 17 -25.18 4.80 -2.43
N THR B 18 -25.71 5.71 -3.24
CA THR B 18 -25.62 5.61 -4.68
C THR B 18 -25.27 6.98 -5.24
N PHE B 19 -24.47 6.97 -6.31
CA PHE B 19 -23.98 8.18 -6.97
C PHE B 19 -23.71 7.83 -8.42
N LEU B 20 -23.34 8.84 -9.20
CA LEU B 20 -23.11 8.69 -10.63
C LEU B 20 -21.63 8.87 -10.95
N LEU B 21 -21.10 8.07 -11.87
CA LEU B 21 -19.75 8.24 -12.40
C LEU B 21 -19.82 8.48 -13.89
N TYR B 22 -19.11 9.50 -14.36
CA TYR B 22 -19.12 9.77 -15.80
C TYR B 22 -17.83 9.29 -16.46
N PRO B 23 -17.92 8.56 -17.57
CA PRO B 23 -16.71 8.03 -18.23
C PRO B 23 -15.67 9.09 -18.56
N GLU B 24 -16.11 10.32 -18.81
CA GLU B 24 -15.18 11.41 -19.10
C GLU B 24 -14.24 11.67 -17.93
N SER B 25 -14.82 11.91 -16.76
CA SER B 25 -14.08 12.37 -15.59
C SER B 25 -13.44 11.24 -14.79
N ILE B 26 -13.34 10.01 -15.31
CA ILE B 26 -12.69 8.95 -14.54
C ILE B 26 -11.49 8.43 -15.33
N PRO B 27 -10.44 8.04 -14.64
CA PRO B 27 -9.26 7.46 -15.32
C PRO B 27 -9.54 6.08 -15.91
N SER B 28 -8.62 5.65 -16.80
CA SER B 28 -8.69 4.35 -17.48
C SER B 28 -8.99 3.17 -16.57
N ASP B 29 -8.30 3.08 -15.44
CA ASP B 29 -8.41 1.91 -14.60
C ASP B 29 -9.40 2.12 -13.46
N TRP B 30 -10.40 2.97 -13.68
CA TRP B 30 -11.38 3.27 -12.64
C TRP B 30 -11.88 2.00 -11.92
N GLU B 31 -12.09 0.89 -12.64
CA GLU B 31 -12.59 -0.31 -11.98
C GLU B 31 -11.61 -0.82 -10.93
N LEU B 32 -10.33 -0.99 -11.30
CA LEU B 32 -9.32 -1.40 -10.33
C LEU B 32 -9.16 -0.31 -9.28
N LYS B 33 -9.45 0.92 -9.69
CA LYS B 33 -9.35 2.08 -8.83
C LYS B 33 -10.37 2.01 -7.70
N LEU B 34 -11.57 1.54 -8.00
CA LEU B 34 -12.59 1.42 -6.98
C LEU B 34 -12.41 0.17 -6.11
N GLU B 35 -11.75 -0.87 -6.63
CA GLU B 35 -11.56 -2.06 -5.81
C GLU B 35 -10.72 -1.78 -4.57
N THR B 36 -9.72 -0.93 -4.72
CA THR B 36 -8.79 -0.64 -3.63
C THR B 36 -9.47 -0.35 -2.30
N LEU B 37 -10.56 0.42 -2.31
CA LEU B 37 -11.14 0.92 -1.05
C LEU B 37 -11.55 -0.19 -0.10
N GLY B 38 -11.72 -1.42 -0.59
CA GLY B 38 -12.04 -2.55 0.27
C GLY B 38 -13.47 -2.56 0.74
N VAL B 39 -14.37 -1.95 -0.03
CA VAL B 39 -15.75 -1.74 0.38
C VAL B 39 -16.63 -2.35 -0.70
N PRO B 40 -17.69 -3.07 -0.35
CA PRO B 40 -18.50 -3.73 -1.37
C PRO B 40 -19.27 -2.70 -2.19
N MET B 41 -19.11 -2.79 -3.52
CA MET B 41 -19.82 -1.94 -4.46
C MET B 41 -20.48 -2.81 -5.53
N ALA B 42 -21.52 -2.25 -6.16
CA ALA B 42 -22.16 -2.88 -7.31
C ALA B 42 -22.38 -1.79 -8.34
N ILE B 43 -21.75 -1.95 -9.50
CA ILE B 43 -21.69 -0.90 -10.50
C ILE B 43 -22.62 -1.29 -11.62
N SER B 44 -23.65 -0.49 -11.82
CA SER B 44 -24.66 -0.62 -12.85
C SER B 44 -23.96 -0.81 -14.17
N PRO B 45 -24.61 -1.40 -15.18
CA PRO B 45 -24.04 -1.33 -16.52
C PRO B 45 -24.16 0.08 -17.03
N LEU B 46 -23.37 0.38 -18.07
CA LEU B 46 -23.26 1.76 -18.55
C LEU B 46 -24.58 2.25 -19.16
N HIS B 47 -24.93 3.48 -18.82
CA HIS B 47 -26.21 4.08 -19.22
C HIS B 47 -26.04 4.99 -20.45
N ASP B 48 -25.78 4.37 -21.59
CA ASP B 48 -25.66 5.09 -22.84
C ASP B 48 -27.00 5.35 -23.52
N LYS B 49 -28.08 4.73 -23.02
CA LYS B 49 -29.38 4.71 -23.69
C LYS B 49 -30.49 5.03 -22.70
N ASP B 50 -30.43 6.19 -22.07
CA ASP B 50 -31.56 6.65 -21.27
C ASP B 50 -32.22 7.84 -21.94
N LYS B 51 -33.54 7.83 -22.01
CA LYS B 51 -34.24 8.88 -22.75
C LYS B 51 -34.23 10.18 -21.96
N SER B 52 -33.77 11.24 -22.61
CA SER B 52 -33.63 12.53 -21.96
C SER B 52 -34.95 13.26 -21.87
N SER B 53 -35.13 13.98 -20.77
CA SER B 53 -36.36 14.74 -20.54
C SER B 53 -36.22 16.08 -21.26
N ILE B 54 -35.84 15.98 -22.54
CA ILE B 54 -35.65 17.12 -23.44
C ILE B 54 -36.11 16.69 -24.83
N LYS B 55 -36.76 17.59 -25.57
CA LYS B 55 -37.27 17.27 -26.90
C LYS B 55 -36.11 17.10 -27.90
N GLY B 56 -36.28 16.17 -28.86
CA GLY B 56 -35.33 16.05 -29.96
C GLY B 56 -33.97 15.56 -29.58
N GLN B 57 -33.88 14.90 -28.45
CA GLN B 57 -32.63 14.70 -27.76
C GLN B 57 -32.40 13.22 -27.64
N LYS B 58 -31.24 12.77 -28.10
CA LYS B 58 -31.06 11.41 -28.55
C LYS B 58 -31.21 10.46 -27.36
N TYR B 59 -30.33 10.66 -26.39
CA TYR B 59 -30.16 9.94 -25.14
C TYR B 59 -29.42 10.86 -24.19
N LYS B 60 -29.45 10.48 -22.90
CA LYS B 60 -28.64 11.15 -21.90
C LYS B 60 -27.19 10.67 -22.04
N LYS B 61 -26.28 11.38 -21.41
CA LYS B 61 -24.87 11.02 -21.55
C LYS B 61 -24.55 9.74 -20.83
N ALA B 62 -23.59 9.01 -21.37
CA ALA B 62 -23.15 7.78 -20.75
C ALA B 62 -22.75 8.08 -19.31
N HIS B 63 -23.30 7.29 -18.40
CA HIS B 63 -23.00 7.39 -16.98
C HIS B 63 -23.11 6.01 -16.35
N TYR B 64 -22.73 5.93 -15.09
CA TYR B 64 -22.86 4.73 -14.31
C TYR B 64 -23.66 5.07 -13.05
N HIS B 65 -24.33 4.08 -12.49
CA HIS B 65 -24.92 4.20 -11.15
C HIS B 65 -24.17 3.25 -10.23
N VAL B 66 -23.49 3.79 -9.25
CA VAL B 66 -22.79 2.94 -8.32
C VAL B 66 -23.68 2.79 -7.10
N LEU B 67 -23.59 1.62 -6.47
CA LEU B 67 -24.29 1.33 -5.22
C LEU B 67 -23.21 0.92 -4.23
N TYR B 68 -23.03 1.72 -3.18
CA TYR B 68 -21.82 1.75 -2.38
C TYR B 68 -22.21 1.37 -0.95
N ILE B 69 -21.56 0.34 -0.41
CA ILE B 69 -21.90 -0.22 0.90
C ILE B 69 -20.80 0.05 1.92
N ALA B 70 -20.81 1.24 2.52
CA ALA B 70 -19.82 1.62 3.52
C ALA B 70 -19.95 0.76 4.77
N LYS B 71 -18.79 0.50 5.42
CA LYS B 71 -18.74 -0.43 6.56
C LYS B 71 -19.26 0.14 7.87
N ASN B 72 -19.32 1.46 8.03
CA ASN B 72 -19.86 2.07 9.24
C ASN B 72 -20.70 3.26 8.88
N PRO B 73 -21.62 3.70 9.76
CA PRO B 73 -22.43 4.89 9.48
C PRO B 73 -21.59 6.16 9.30
N VAL B 74 -21.57 6.70 8.08
CA VAL B 74 -20.87 7.93 7.78
C VAL B 74 -21.81 8.82 6.98
N THR B 75 -21.35 10.03 6.67
CA THR B 75 -22.19 11.05 6.08
C THR B 75 -21.93 11.13 4.58
N ALA B 76 -22.99 11.54 3.86
CA ALA B 76 -22.92 11.76 2.42
C ALA B 76 -21.59 12.35 2.00
N ASP B 77 -21.19 13.44 2.65
CA ASP B 77 -19.94 14.11 2.29
C ASP B 77 -18.74 13.16 2.38
N SER B 78 -18.67 12.31 3.43
CA SER B 78 -17.64 11.26 3.54
C SER B 78 -17.42 10.51 2.24
N VAL B 79 -18.49 10.01 1.64
CA VAL B 79 -18.37 9.20 0.43
C VAL B 79 -18.00 10.05 -0.77
N ARG B 80 -18.58 11.25 -0.91
CA ARG B 80 -18.22 12.09 -2.05
C ARG B 80 -16.73 12.35 -2.07
N LYS B 81 -16.18 12.80 -0.92
CA LYS B 81 -14.77 13.15 -0.85
C LYS B 81 -13.87 11.95 -1.11
N LYS B 82 -14.18 10.78 -0.51
CA LYS B 82 -13.34 9.60 -0.71
C LYS B 82 -13.24 9.21 -2.19
N ILE B 83 -14.29 9.42 -2.97
CA ILE B 83 -14.19 9.09 -4.38
C ILE B 83 -13.63 10.28 -5.17
N LYS B 84 -13.84 11.51 -4.66
CA LYS B 84 -13.15 12.66 -5.22
C LYS B 84 -11.62 12.49 -5.13
N LEU B 85 -11.06 12.10 -3.96
CA LEU B 85 -9.67 11.68 -3.98
C LEU B 85 -9.36 10.63 -4.99
N LEU B 86 -10.30 9.70 -5.25
CA LEU B 86 -9.84 8.52 -5.95
C LEU B 86 -9.68 8.78 -7.43
N LEU B 87 -10.71 9.38 -8.05
CA LEU B 87 -10.93 9.50 -9.49
C LEU B 87 -10.97 10.92 -10.05
N GLY B 88 -10.69 11.94 -9.25
CA GLY B 88 -10.84 13.27 -9.83
C GLY B 88 -12.03 13.90 -9.15
N GLU B 89 -11.91 15.19 -8.90
CA GLU B 89 -12.90 15.89 -8.10
C GLU B 89 -14.23 16.06 -8.87
N LYS B 90 -14.24 16.04 -10.21
CA LYS B 90 -15.50 15.99 -10.97
C LYS B 90 -15.89 14.58 -11.41
N SER B 91 -15.24 13.56 -10.86
CA SER B 91 -15.51 12.16 -11.20
C SER B 91 -16.98 11.79 -11.07
N LEU B 92 -17.58 12.08 -9.91
CA LEU B 92 -18.90 11.65 -9.56
C LEU B 92 -19.84 12.84 -9.39
N ALA B 93 -21.10 12.52 -9.10
CA ALA B 93 -22.13 13.52 -8.85
C ALA B 93 -23.31 12.91 -8.11
N MET B 94 -24.06 13.77 -7.43
CA MET B 94 -25.32 13.41 -6.79
C MET B 94 -25.17 12.16 -5.96
N VAL B 95 -24.31 12.23 -4.95
CA VAL B 95 -24.25 11.15 -3.97
C VAL B 95 -25.51 11.24 -3.12
N GLN B 96 -26.21 10.12 -2.98
CA GLN B 96 -27.46 10.13 -2.24
C GLN B 96 -27.48 9.01 -1.22
N VAL B 97 -28.31 9.20 -0.20
CA VAL B 97 -28.51 8.15 0.79
C VAL B 97 -29.55 7.19 0.23
N VAL B 98 -29.26 5.89 0.33
CA VAL B 98 -30.11 4.86 -0.25
C VAL B 98 -30.92 4.30 0.90
N LEU B 99 -32.24 4.32 0.75
CA LEU B 99 -33.16 3.89 1.79
C LEU B 99 -33.58 2.44 1.64
N ASN B 100 -33.79 1.99 0.41
CA ASN B 100 -34.19 0.60 0.15
C ASN B 100 -33.15 0.04 -0.81
N VAL B 101 -32.37 -0.91 -0.33
CA VAL B 101 -31.29 -1.49 -1.11
C VAL B 101 -31.84 -2.30 -2.27
N GLU B 102 -32.81 -3.17 -1.99
CA GLU B 102 -33.49 -3.97 -3.00
C GLU B 102 -33.83 -3.18 -4.26
N ASN B 103 -34.49 -2.02 -4.08
CA ASN B 103 -34.82 -1.18 -5.22
C ASN B 103 -33.57 -0.63 -5.92
N MET B 104 -32.67 0.00 -5.18
CA MET B 104 -31.58 0.71 -5.83
C MET B 104 -30.61 -0.26 -6.50
N TYR B 105 -30.67 -1.56 -6.16
CA TYR B 105 -30.01 -2.60 -6.95
C TYR B 105 -30.80 -2.91 -8.24
N LEU B 106 -32.11 -3.09 -8.12
CA LEU B 106 -32.91 -3.34 -9.33
C LEU B 106 -32.89 -2.13 -10.26
N TYR B 107 -32.71 -0.92 -9.69
CA TYR B 107 -32.68 0.31 -10.46
C TYR B 107 -31.47 0.41 -11.38
N LEU B 108 -30.38 -0.32 -11.11
CA LEU B 108 -29.23 -0.30 -11.99
C LEU B 108 -29.55 -0.87 -13.37
N THR B 109 -30.62 -1.64 -13.46
CA THR B 109 -31.06 -2.28 -14.68
C THR B 109 -32.32 -1.66 -15.25
N HIS B 110 -32.84 -0.62 -14.60
CA HIS B 110 -34.16 -0.06 -14.93
C HIS B 110 -35.23 -1.14 -14.89
N GLU B 111 -35.10 -2.10 -13.99
CA GLU B 111 -36.06 -3.17 -13.95
C GLU B 111 -36.65 -3.28 -12.55
N SER B 112 -36.62 -2.14 -11.87
CA SER B 112 -37.34 -1.91 -10.64
C SER B 112 -38.75 -1.55 -11.08
N LYS B 113 -39.68 -1.37 -10.14
CA LYS B 113 -40.99 -0.90 -10.62
C LYS B 113 -41.02 0.63 -10.88
N ASP B 114 -39.99 1.41 -10.45
CA ASP B 114 -40.19 2.84 -10.73
C ASP B 114 -40.03 3.02 -12.20
N ALA B 115 -39.03 2.30 -12.69
CA ALA B 115 -38.43 2.39 -14.02
C ALA B 115 -39.31 1.79 -15.12
N ILE B 116 -39.75 0.52 -14.95
CA ILE B 116 -40.66 -0.06 -15.94
C ILE B 116 -42.01 0.63 -15.92
N ALA B 117 -42.44 1.14 -14.75
CA ALA B 117 -43.64 1.97 -14.70
C ALA B 117 -43.47 3.17 -15.62
N LYS B 118 -42.30 3.82 -15.56
CA LYS B 118 -41.95 4.90 -16.48
C LYS B 118 -41.25 4.38 -17.74
N LYS B 119 -41.26 3.05 -17.95
CA LYS B 119 -40.94 2.37 -19.22
C LYS B 119 -39.56 2.71 -19.80
N LYS B 120 -38.56 2.87 -18.92
CA LYS B 120 -37.21 3.22 -19.32
C LYS B 120 -36.50 2.00 -19.93
N HIS B 121 -35.46 2.29 -20.73
CA HIS B 121 -34.73 1.26 -21.45
C HIS B 121 -33.98 0.34 -20.49
N VAL B 122 -34.24 -0.96 -20.58
CA VAL B 122 -33.80 -1.92 -19.56
C VAL B 122 -32.56 -2.65 -20.08
N TYR B 123 -31.50 -2.60 -19.28
CA TYR B 123 -30.18 -3.08 -19.63
C TYR B 123 -29.99 -4.55 -19.26
N ASP B 124 -28.80 -5.10 -19.53
CA ASP B 124 -28.50 -6.53 -19.42
C ASP B 124 -27.99 -6.88 -18.02
N LYS B 125 -28.55 -7.97 -17.45
CA LYS B 125 -28.25 -8.36 -16.07
C LYS B 125 -26.72 -8.37 -15.92
N ALA B 126 -26.10 -8.99 -16.93
CA ALA B 126 -24.73 -9.47 -16.94
C ALA B 126 -23.71 -8.36 -16.80
N ASP B 127 -23.98 -7.19 -17.37
CA ASP B 127 -22.94 -6.17 -17.42
C ASP B 127 -22.70 -5.48 -16.09
N ILE B 128 -23.60 -5.69 -15.12
CA ILE B 128 -23.35 -5.17 -13.79
C ILE B 128 -21.99 -5.69 -13.34
N LYS B 129 -21.20 -4.82 -12.71
CA LYS B 129 -19.91 -5.23 -12.19
C LYS B 129 -19.96 -5.09 -10.68
N LEU B 130 -19.68 -6.19 -9.99
CA LEU B 130 -19.72 -6.27 -8.53
C LEU B 130 -18.28 -6.32 -8.04
N ILE B 131 -17.95 -5.42 -7.13
CA ILE B 131 -16.60 -5.18 -6.65
C ILE B 131 -16.49 -5.63 -5.20
N ASN B 132 -15.44 -6.42 -4.91
CA ASN B 132 -15.19 -7.01 -3.59
C ASN B 132 -16.38 -7.82 -3.08
N ASN B 133 -16.96 -8.62 -3.98
CA ASN B 133 -17.96 -9.61 -3.62
C ASN B 133 -19.23 -9.00 -3.02
N PHE B 134 -19.73 -7.95 -3.67
CA PHE B 134 -21.03 -7.37 -3.36
C PHE B 134 -22.08 -8.48 -3.24
N ASP B 135 -22.71 -8.55 -2.09
CA ASP B 135 -23.67 -9.61 -1.82
C ASP B 135 -25.06 -8.98 -1.72
N ILE B 136 -25.81 -9.05 -2.81
CA ILE B 136 -27.13 -8.43 -2.85
C ILE B 136 -27.98 -8.94 -1.69
N ASP B 137 -27.88 -10.24 -1.43
CA ASP B 137 -28.73 -10.90 -0.44
C ASP B 137 -28.41 -10.47 0.99
N ARG B 138 -27.14 -10.12 1.26
CA ARG B 138 -26.74 -9.77 2.62
C ARG B 138 -27.50 -8.55 3.12
N TYR B 139 -27.81 -7.61 2.22
CA TYR B 139 -28.42 -6.33 2.58
C TYR B 139 -29.93 -6.30 2.53
N VAL B 140 -30.59 -7.28 1.91
CA VAL B 140 -32.06 -7.23 1.85
C VAL B 140 -32.71 -7.77 3.13
N ALA E 10 48.84 -4.05 41.08
CA ALA E 10 49.16 -3.47 39.77
C ALA E 10 50.39 -4.13 39.07
N LYS E 11 50.04 -4.76 37.96
CA LYS E 11 50.91 -5.47 37.03
C LYS E 11 51.57 -4.48 36.08
N GLU E 12 52.71 -4.86 35.55
CA GLU E 12 53.44 -3.97 34.66
C GLU E 12 52.78 -3.94 33.28
N LYS E 13 52.60 -2.74 32.73
CA LYS E 13 52.11 -2.56 31.37
C LYS E 13 53.27 -2.26 30.40
N ALA E 14 53.19 -2.82 29.19
CA ALA E 14 54.33 -2.69 28.28
C ALA E 14 53.96 -2.91 26.82
N ARG E 15 54.85 -2.45 25.94
CA ARG E 15 54.72 -2.72 24.51
C ARG E 15 55.63 -3.83 24.01
N TYR E 16 56.83 -4.04 24.62
CA TYR E 16 57.85 -4.98 24.12
C TYR E 16 57.92 -6.28 24.92
N PHE E 17 57.90 -7.43 24.23
CA PHE E 17 57.93 -8.74 24.89
C PHE E 17 58.72 -9.78 24.11
N THR E 18 59.29 -10.76 24.85
CA THR E 18 59.85 -11.95 24.25
C THR E 18 59.34 -13.16 25.01
N PHE E 19 59.10 -14.22 24.26
CA PHE E 19 58.59 -15.46 24.80
C PHE E 19 59.08 -16.54 23.84
N LEU E 20 59.04 -17.80 24.28
CA LEU E 20 59.58 -18.87 23.46
C LEU E 20 58.50 -19.80 22.96
N LEU E 21 58.68 -20.24 21.72
CA LEU E 21 57.80 -21.22 21.08
C LEU E 21 58.58 -22.47 20.72
N TYR E 22 58.08 -23.61 21.12
CA TYR E 22 58.63 -24.92 20.93
C TYR E 22 57.97 -25.58 19.72
N PRO E 23 58.73 -26.18 18.80
CA PRO E 23 58.12 -26.78 17.60
C PRO E 23 57.10 -27.88 17.89
N GLU E 24 57.29 -28.64 18.98
CA GLU E 24 56.34 -29.71 19.33
C GLU E 24 54.94 -29.14 19.47
N SER E 25 54.80 -28.11 20.31
CA SER E 25 53.55 -27.52 20.77
C SER E 25 52.95 -26.49 19.81
N ILE E 26 53.39 -26.42 18.57
CA ILE E 26 52.86 -25.41 17.65
C ILE E 26 52.28 -25.98 16.36
N PRO E 27 51.25 -25.36 15.83
CA PRO E 27 50.69 -25.84 14.57
C PRO E 27 51.62 -25.73 13.36
N SER E 28 51.28 -26.54 12.35
CA SER E 28 51.94 -26.52 11.05
C SER E 28 51.99 -25.11 10.48
N ASP E 29 50.94 -24.32 10.70
CA ASP E 29 50.85 -22.99 10.12
C ASP E 29 51.17 -21.87 11.11
N TRP E 30 51.88 -22.16 12.19
CA TRP E 30 52.12 -21.16 13.22
C TRP E 30 52.60 -19.82 12.67
N GLU E 31 53.55 -19.83 11.74
CA GLU E 31 54.06 -18.56 11.23
C GLU E 31 52.92 -17.73 10.67
N LEU E 32 52.13 -18.34 9.78
CA LEU E 32 51.00 -17.64 9.18
C LEU E 32 50.00 -17.27 10.24
N LYS E 33 49.87 -18.09 11.29
CA LYS E 33 48.93 -17.72 12.33
C LYS E 33 49.43 -16.48 13.06
N LEU E 34 50.74 -16.38 13.28
CA LEU E 34 51.22 -15.24 14.02
C LEU E 34 51.06 -13.94 13.23
N GLU E 35 51.07 -14.03 11.90
CA GLU E 35 50.84 -12.83 11.12
C GLU E 35 49.45 -12.27 11.40
N THR E 36 48.47 -13.16 11.54
CA THR E 36 47.09 -12.73 11.79
C THR E 36 46.99 -11.75 12.96
N LEU E 37 47.73 -11.97 14.04
CA LEU E 37 47.54 -11.06 15.15
C LEU E 37 47.84 -9.64 14.76
N GLY E 38 48.60 -9.43 13.70
CA GLY E 38 48.75 -8.08 13.20
C GLY E 38 49.68 -7.23 14.02
N VAL E 39 50.69 -7.84 14.59
CA VAL E 39 51.58 -7.15 15.50
C VAL E 39 52.99 -7.32 14.99
N PRO E 40 53.83 -6.29 15.04
CA PRO E 40 55.20 -6.45 14.53
C PRO E 40 55.97 -7.42 15.40
N MET E 41 56.53 -8.45 14.73
CA MET E 41 57.32 -9.49 15.38
C MET E 41 58.62 -9.79 14.66
N ALA E 42 59.58 -10.28 15.45
CA ALA E 42 60.88 -10.74 14.97
C ALA E 42 61.15 -12.09 15.63
N ILE E 43 61.25 -13.14 14.81
CA ILE E 43 61.27 -14.51 15.28
C ILE E 43 62.66 -15.07 15.07
N SER E 44 63.31 -15.46 16.16
CA SER E 44 64.63 -16.05 16.18
C SER E 44 64.70 -17.16 15.14
N PRO E 45 65.88 -17.45 14.61
CA PRO E 45 66.04 -18.68 13.84
C PRO E 45 65.94 -19.83 14.82
N LEU E 46 65.84 -21.04 14.30
CA LEU E 46 65.59 -22.16 15.20
C LEU E 46 66.79 -22.38 16.11
N HIS E 47 66.53 -22.52 17.42
CA HIS E 47 67.56 -22.72 18.44
C HIS E 47 67.76 -24.21 18.74
N ASP E 48 68.16 -24.94 17.71
CA ASP E 48 68.37 -26.35 17.94
C ASP E 48 69.75 -26.65 18.54
N LYS E 49 70.60 -25.66 18.82
CA LYS E 49 71.91 -26.02 19.33
C LYS E 49 72.32 -25.10 20.48
N ASP E 50 71.43 -24.89 21.44
CA ASP E 50 71.76 -24.16 22.65
C ASP E 50 72.51 -25.07 23.63
N LYS E 51 73.54 -24.55 24.26
CA LYS E 51 74.32 -25.42 25.14
C LYS E 51 73.56 -25.67 26.45
N SER E 52 73.36 -26.92 26.78
CA SER E 52 72.59 -27.24 27.97
C SER E 52 73.42 -26.98 29.21
N SER E 53 72.78 -26.42 30.22
CA SER E 53 73.52 -26.06 31.41
C SER E 53 73.74 -27.21 32.37
N ILE E 54 73.44 -28.45 31.98
CA ILE E 54 73.66 -29.63 32.82
C ILE E 54 74.51 -30.61 32.06
N LYS E 55 75.26 -31.38 32.84
CA LYS E 55 76.28 -32.31 32.38
C LYS E 55 75.74 -33.43 31.51
N GLY E 56 76.60 -33.90 30.60
CA GLY E 56 76.31 -35.06 29.78
C GLY E 56 75.11 -34.86 28.91
N GLN E 57 74.65 -33.63 28.84
CA GLN E 57 73.50 -33.26 28.06
C GLN E 57 73.98 -32.40 26.91
N LYS E 58 73.65 -32.82 25.69
CA LYS E 58 74.23 -32.18 24.52
C LYS E 58 73.65 -30.77 24.31
N TYR E 59 72.37 -30.67 24.01
CA TYR E 59 71.77 -29.39 23.68
C TYR E 59 70.40 -29.29 24.31
N LYS E 60 69.90 -28.06 24.34
CA LYS E 60 68.59 -27.75 24.88
C LYS E 60 67.49 -28.08 23.88
N LYS E 61 66.26 -27.95 24.37
CA LYS E 61 65.08 -28.29 23.60
C LYS E 61 64.93 -27.31 22.46
N ALA E 62 64.57 -27.82 21.29
CA ALA E 62 64.38 -26.92 20.17
C ALA E 62 63.38 -25.87 20.62
N HIS E 63 63.70 -24.60 20.42
CA HIS E 63 62.78 -23.53 20.78
C HIS E 63 63.00 -22.36 19.84
N TYR E 64 62.11 -21.39 19.94
CA TYR E 64 62.19 -20.15 19.19
C TYR E 64 62.13 -19.00 20.18
N HIS E 65 62.77 -17.89 19.86
CA HIS E 65 62.62 -16.69 20.66
C HIS E 65 61.82 -15.67 19.88
N VAL E 66 60.70 -15.26 20.39
CA VAL E 66 59.93 -14.29 19.62
C VAL E 66 60.15 -12.90 20.17
N LEU E 67 60.14 -11.92 19.27
CA LEU E 67 60.27 -10.53 19.65
C LEU E 67 59.00 -9.84 19.12
N TYR E 68 58.15 -9.45 20.08
CA TYR E 68 56.73 -9.13 19.88
C TYR E 68 56.55 -7.70 20.34
N ILE E 69 56.07 -6.85 19.43
CA ILE E 69 55.92 -5.41 19.64
C ILE E 69 54.45 -5.04 19.68
N ALA E 70 53.87 -5.09 20.88
CA ALA E 70 52.47 -4.81 21.09
C ALA E 70 52.08 -3.40 20.66
N LYS E 71 50.82 -3.28 20.20
CA LYS E 71 50.32 -2.02 19.67
C LYS E 71 49.99 -0.98 20.74
N ASN E 72 49.85 -1.39 22.00
CA ASN E 72 49.58 -0.50 23.12
C ASN E 72 50.22 -1.12 24.37
N PRO E 73 50.41 -0.31 25.42
CA PRO E 73 50.92 -0.88 26.69
C PRO E 73 49.92 -1.86 27.25
N VAL E 74 50.30 -3.12 27.30
CA VAL E 74 49.49 -4.21 27.81
C VAL E 74 50.39 -5.00 28.74
N THR E 75 49.86 -6.09 29.29
CA THR E 75 50.48 -6.87 30.33
C THR E 75 51.03 -8.18 29.78
N ALA E 76 52.12 -8.64 30.40
CA ALA E 76 52.66 -9.97 30.10
C ALA E 76 51.57 -11.00 29.87
N ASP E 77 50.66 -11.10 30.84
CA ASP E 77 49.52 -12.02 30.78
C ASP E 77 48.68 -11.82 29.51
N SER E 78 48.41 -10.56 29.16
CA SER E 78 47.75 -10.27 27.91
C SER E 78 48.33 -11.13 26.81
N VAL E 79 49.64 -11.05 26.65
CA VAL E 79 50.28 -11.73 25.54
C VAL E 79 50.20 -13.22 25.69
N ARG E 80 50.42 -13.69 26.91
CA ARG E 80 50.41 -15.13 27.16
C ARG E 80 49.13 -15.73 26.61
N LYS E 81 48.02 -15.17 27.08
CA LYS E 81 46.71 -15.68 26.75
C LYS E 81 46.48 -15.66 25.26
N LYS E 82 46.79 -14.51 24.65
CA LYS E 82 46.63 -14.33 23.21
C LYS E 82 47.35 -15.42 22.44
N ILE E 83 48.50 -15.87 22.98
CA ILE E 83 49.26 -16.87 22.28
C ILE E 83 48.82 -18.26 22.69
N LYS E 84 48.43 -18.45 23.94
CA LYS E 84 47.82 -19.73 24.29
C LYS E 84 46.62 -19.98 23.40
N LEU E 85 45.78 -18.96 23.29
CA LEU E 85 44.58 -19.03 22.48
C LEU E 85 44.91 -19.27 21.01
N LEU E 86 46.02 -18.72 20.53
CA LEU E 86 46.29 -18.91 19.12
C LEU E 86 46.96 -20.26 18.87
N LEU E 87 48.00 -20.58 19.61
CA LEU E 87 48.84 -21.71 19.25
C LEU E 87 48.71 -22.86 20.22
N GLY E 88 47.82 -22.75 21.18
CA GLY E 88 47.76 -23.89 22.08
C GLY E 88 48.25 -23.49 23.43
N GLU E 89 47.65 -24.09 24.45
CA GLU E 89 48.01 -23.72 25.82
C GLU E 89 49.46 -24.09 26.12
N LYS E 90 49.97 -25.15 25.49
CA LYS E 90 51.33 -25.62 25.70
C LYS E 90 52.29 -25.01 24.69
N SER E 91 51.80 -24.09 23.86
CA SER E 91 52.61 -23.48 22.81
C SER E 91 53.86 -22.81 23.33
N LEU E 92 53.67 -21.85 24.25
CA LEU E 92 54.70 -20.88 24.59
C LEU E 92 55.27 -21.15 25.96
N ALA E 93 56.28 -20.35 26.29
CA ALA E 93 56.84 -20.34 27.64
C ALA E 93 57.62 -19.04 27.85
N MET E 94 57.73 -18.68 29.11
CA MET E 94 58.57 -17.58 29.58
C MET E 94 58.34 -16.30 28.78
N VAL E 95 57.15 -15.76 28.95
CA VAL E 95 56.87 -14.43 28.45
C VAL E 95 57.58 -13.44 29.33
N GLN E 96 58.37 -12.57 28.71
CA GLN E 96 59.06 -11.54 29.46
C GLN E 96 58.89 -10.20 28.79
N VAL E 97 59.07 -9.16 29.61
CA VAL E 97 59.03 -7.77 29.15
C VAL E 97 60.43 -7.39 28.72
N VAL E 98 60.53 -6.73 27.59
CA VAL E 98 61.82 -6.44 26.96
C VAL E 98 62.16 -4.99 27.20
N LEU E 99 63.37 -4.73 27.72
CA LEU E 99 63.77 -3.39 28.09
C LEU E 99 64.49 -2.66 26.97
N ASN E 100 65.28 -3.40 26.18
CA ASN E 100 66.01 -2.84 25.06
C ASN E 100 65.73 -3.72 23.85
N VAL E 101 65.12 -3.16 22.82
CA VAL E 101 64.85 -4.01 21.66
C VAL E 101 66.14 -4.40 20.97
N GLU E 102 66.95 -3.40 20.60
CA GLU E 102 68.27 -3.58 19.99
C GLU E 102 69.01 -4.71 20.71
N ASN E 103 69.09 -4.63 22.06
CA ASN E 103 69.79 -5.68 22.80
C ASN E 103 69.11 -7.02 22.57
N MET E 104 67.82 -7.11 22.84
CA MET E 104 67.14 -8.39 22.73
C MET E 104 66.88 -8.79 21.28
N TYR E 105 66.94 -7.84 20.33
CA TYR E 105 66.90 -8.29 18.93
C TYR E 105 68.19 -9.02 18.54
N LEU E 106 69.35 -8.46 18.88
CA LEU E 106 70.59 -9.14 18.54
C LEU E 106 70.73 -10.47 19.26
N TYR E 107 70.16 -10.58 20.46
CA TYR E 107 70.28 -11.82 21.21
C TYR E 107 69.62 -12.99 20.47
N LEU E 108 68.72 -12.71 19.52
CA LEU E 108 68.08 -13.82 18.80
C LEU E 108 69.07 -14.67 18.04
N THR E 109 70.23 -14.10 17.72
CA THR E 109 71.31 -14.80 17.06
C THR E 109 72.46 -15.00 18.01
N HIS E 110 72.24 -14.68 19.28
CA HIS E 110 73.28 -14.78 20.29
C HIS E 110 74.45 -13.93 19.86
N GLU E 111 74.14 -12.78 19.30
CA GLU E 111 75.11 -11.77 18.94
C GLU E 111 74.81 -10.50 19.69
N SER E 112 74.35 -10.60 20.92
CA SER E 112 74.22 -9.44 21.78
C SER E 112 75.53 -9.22 22.55
N LYS E 113 75.57 -8.19 23.36
CA LYS E 113 76.69 -8.03 24.27
C LYS E 113 76.70 -9.17 25.30
N ASP E 114 75.55 -9.41 25.96
CA ASP E 114 75.50 -10.44 27.00
C ASP E 114 75.74 -11.84 26.44
N ALA E 115 75.25 -12.11 25.23
CA ALA E 115 75.40 -13.44 24.65
C ALA E 115 76.85 -13.72 24.24
N ILE E 116 77.45 -12.80 23.49
CA ILE E 116 78.83 -12.98 23.05
C ILE E 116 79.72 -13.13 24.26
N ALA E 117 79.39 -12.45 25.34
CA ALA E 117 80.12 -12.62 26.58
C ALA E 117 80.07 -14.06 27.07
N LYS E 118 78.89 -14.68 27.04
CA LYS E 118 78.74 -16.03 27.55
C LYS E 118 79.01 -17.11 26.52
N LYS E 119 79.69 -16.78 25.43
CA LYS E 119 80.20 -17.77 24.48
C LYS E 119 79.08 -18.62 23.85
N LYS E 120 77.91 -18.06 23.62
CA LYS E 120 76.80 -18.88 23.14
C LYS E 120 76.80 -19.09 21.62
N HIS E 121 76.29 -20.25 21.20
CA HIS E 121 76.34 -20.64 19.78
C HIS E 121 75.61 -19.66 18.89
N VAL E 122 76.30 -19.22 17.84
CA VAL E 122 75.91 -18.04 17.08
C VAL E 122 75.12 -18.48 15.85
N TYR E 123 73.85 -18.09 15.76
CA TYR E 123 73.07 -18.56 14.63
C TYR E 123 73.15 -17.53 13.51
N ASP E 124 72.66 -17.91 12.31
CA ASP E 124 72.80 -17.11 11.10
C ASP E 124 71.61 -16.18 10.90
N LYS E 125 71.91 -14.87 10.80
CA LYS E 125 70.89 -13.81 10.72
C LYS E 125 69.81 -14.13 9.71
N ALA E 126 70.24 -14.66 8.56
CA ALA E 126 69.35 -14.87 7.43
C ALA E 126 68.10 -15.65 7.81
N ASP E 127 68.21 -16.55 8.80
CA ASP E 127 67.12 -17.42 9.16
C ASP E 127 66.04 -16.74 10.00
N ILE E 128 66.31 -15.54 10.54
CA ILE E 128 65.27 -14.81 11.24
C ILE E 128 64.06 -14.63 10.34
N LYS E 129 62.88 -14.72 10.93
CA LYS E 129 61.62 -14.43 10.25
C LYS E 129 60.94 -13.27 10.94
N LEU E 130 60.61 -12.23 10.17
CA LEU E 130 59.98 -11.03 10.69
C LEU E 130 58.49 -11.01 10.32
N ILE E 131 57.64 -10.78 11.32
CA ILE E 131 56.20 -10.83 11.11
C ILE E 131 55.64 -9.41 11.14
N ASN E 132 54.85 -9.10 10.11
CA ASN E 132 54.22 -7.80 9.94
C ASN E 132 55.25 -6.70 9.85
N ASN E 133 56.20 -6.89 8.93
CA ASN E 133 57.16 -5.87 8.53
C ASN E 133 58.07 -5.40 9.65
N PHE E 134 58.47 -6.26 10.56
CA PHE E 134 59.39 -5.82 11.61
C PHE E 134 60.57 -5.03 11.04
N ASP E 135 60.64 -3.75 11.41
CA ASP E 135 61.70 -2.86 10.99
C ASP E 135 62.42 -2.46 12.27
N ILE E 136 63.50 -3.18 12.57
CA ILE E 136 64.22 -3.04 13.83
C ILE E 136 64.61 -1.59 14.11
N ASP E 137 64.96 -0.84 13.05
CA ASP E 137 65.49 0.50 13.20
C ASP E 137 64.49 1.43 13.84
N ARG E 138 63.22 1.16 13.62
CA ARG E 138 62.17 2.02 14.14
C ARG E 138 62.04 1.97 15.66
N TYR E 139 62.64 0.98 16.33
CA TYR E 139 62.51 0.78 17.78
C TYR E 139 63.63 1.39 18.64
N VAL E 140 64.75 1.83 18.07
CA VAL E 140 65.86 2.34 18.89
C VAL E 140 65.73 3.78 19.49
N GLN F 9 26.63 6.03 24.34
CA GLN F 9 26.45 6.82 23.13
C GLN F 9 25.14 6.48 22.40
N ALA F 10 24.03 6.30 23.14
CA ALA F 10 22.76 5.86 22.57
C ALA F 10 22.99 4.71 21.60
N LYS F 11 22.41 4.77 20.42
CA LYS F 11 22.74 3.81 19.38
C LYS F 11 23.21 4.59 18.17
N GLU F 12 24.11 4.02 17.41
CA GLU F 12 24.65 4.71 16.26
C GLU F 12 23.63 4.74 15.13
N LYS F 13 23.35 5.92 14.61
CA LYS F 13 22.42 6.05 13.49
C LYS F 13 23.21 6.15 12.19
N ALA F 14 22.68 5.51 11.16
CA ALA F 14 23.34 5.46 9.85
C ALA F 14 22.29 5.22 8.78
N ARG F 15 22.70 5.47 7.53
CA ARG F 15 21.88 5.18 6.37
C ARG F 15 22.29 3.91 5.62
N TYR F 16 23.56 3.51 5.68
CA TYR F 16 24.08 2.38 4.91
C TYR F 16 24.20 1.19 5.85
N PHE F 17 23.61 0.05 5.47
CA PHE F 17 23.66 -1.13 6.30
C PHE F 17 23.86 -2.35 5.41
N THR F 18 24.40 -3.42 5.98
CA THR F 18 24.45 -4.69 5.27
C THR F 18 23.96 -5.79 6.18
N PHE F 19 23.26 -6.77 5.61
CA PHE F 19 22.72 -7.90 6.34
C PHE F 19 22.69 -9.09 5.40
N LEU F 20 22.47 -10.28 5.97
CA LEU F 20 22.46 -11.52 5.22
C LEU F 20 21.05 -12.11 5.23
N LEU F 21 20.65 -12.64 4.08
CA LEU F 21 19.35 -13.26 3.91
C LEU F 21 19.57 -14.72 3.51
N TYR F 22 18.89 -15.64 4.22
CA TYR F 22 19.06 -17.06 3.93
C TYR F 22 17.86 -17.60 3.17
N PRO F 23 18.10 -18.38 2.10
CA PRO F 23 16.98 -18.82 1.24
C PRO F 23 15.86 -19.57 1.97
N GLU F 24 16.15 -20.34 3.01
CA GLU F 24 15.06 -21.07 3.66
C GLU F 24 14.01 -20.17 4.26
N SER F 25 14.41 -19.33 5.19
CA SER F 25 13.38 -18.65 5.94
C SER F 25 12.82 -17.46 5.18
N ILE F 26 13.03 -17.40 3.87
CA ILE F 26 12.48 -16.29 3.11
C ILE F 26 11.46 -16.84 2.14
N PRO F 27 10.40 -16.08 1.91
CA PRO F 27 9.37 -16.52 0.96
C PRO F 27 9.85 -16.69 -0.47
N SER F 28 8.87 -17.23 -1.21
CA SER F 28 8.94 -17.45 -2.66
C SER F 28 9.48 -16.27 -3.46
N ASP F 29 8.85 -15.11 -3.32
CA ASP F 29 9.04 -13.85 -4.03
C ASP F 29 9.79 -12.77 -3.19
N TRP F 30 10.73 -13.20 -2.33
CA TRP F 30 11.46 -12.30 -1.44
C TRP F 30 11.88 -11.05 -2.18
N GLU F 31 12.35 -11.22 -3.40
CA GLU F 31 12.84 -10.11 -4.18
C GLU F 31 11.77 -9.04 -4.41
N LEU F 32 10.58 -9.44 -4.85
CA LEU F 32 9.55 -8.43 -5.06
C LEU F 32 9.15 -7.80 -3.75
N LYS F 33 9.35 -8.55 -2.66
CA LYS F 33 8.84 -8.09 -1.39
C LYS F 33 9.67 -6.95 -0.82
N LEU F 34 11.02 -6.98 -0.88
CA LEU F 34 11.64 -5.73 -0.45
C LEU F 34 11.66 -4.64 -1.52
N GLU F 35 11.05 -4.83 -2.70
CA GLU F 35 10.89 -3.66 -3.55
C GLU F 35 9.91 -2.69 -2.89
N THR F 36 8.88 -3.23 -2.25
CA THR F 36 7.82 -2.49 -1.58
C THR F 36 8.28 -1.35 -0.67
N LEU F 37 9.37 -1.54 0.07
CA LEU F 37 9.82 -0.52 1.01
C LEU F 37 10.19 0.81 0.36
N GLY F 38 10.52 0.81 -0.93
CA GLY F 38 10.88 2.05 -1.61
C GLY F 38 12.27 2.57 -1.30
N VAL F 39 13.23 1.67 -1.03
CA VAL F 39 14.57 2.02 -0.56
C VAL F 39 15.59 1.36 -1.48
N PRO F 40 16.68 2.03 -1.84
CA PRO F 40 17.64 1.41 -2.76
C PRO F 40 18.40 0.28 -2.08
N MET F 41 18.33 -0.89 -2.70
CA MET F 41 19.08 -2.03 -2.21
C MET F 41 19.88 -2.65 -3.34
N ALA F 42 20.91 -3.36 -2.94
CA ALA F 42 21.80 -4.09 -3.84
C ALA F 42 22.06 -5.45 -3.24
N ILE F 43 21.62 -6.50 -3.90
CA ILE F 43 21.67 -7.83 -3.31
C ILE F 43 22.72 -8.66 -4.03
N SER F 44 23.72 -9.10 -3.28
CA SER F 44 24.76 -9.95 -3.80
C SER F 44 24.16 -11.13 -4.56
N PRO F 45 24.89 -11.73 -5.50
CA PRO F 45 24.44 -13.01 -6.04
C PRO F 45 24.55 -14.08 -4.95
N LEU F 46 23.87 -15.20 -5.17
CA LEU F 46 23.79 -16.19 -4.10
C LEU F 46 25.19 -16.73 -3.79
N HIS F 47 25.49 -16.83 -2.50
CA HIS F 47 26.80 -17.30 -2.04
C HIS F 47 26.73 -18.78 -1.65
N ASP F 48 26.53 -19.61 -2.68
CA ASP F 48 26.46 -21.06 -2.51
C ASP F 48 27.84 -21.74 -2.48
N LYS F 49 28.91 -20.98 -2.67
CA LYS F 49 30.25 -21.56 -2.74
C LYS F 49 31.25 -20.76 -1.89
N ASP F 50 30.84 -20.29 -0.71
CA ASP F 50 31.78 -19.62 0.18
C ASP F 50 32.57 -20.68 0.92
N LYS F 51 33.88 -20.53 1.02
CA LYS F 51 34.51 -21.67 1.64
C LYS F 51 34.60 -21.63 3.15
N SER F 52 34.23 -22.77 3.70
CA SER F 52 33.93 -22.98 5.10
C SER F 52 35.17 -22.89 5.97
N SER F 53 34.95 -22.37 7.16
CA SER F 53 36.02 -22.07 8.09
C SER F 53 36.44 -23.25 8.96
N ILE F 54 35.89 -24.44 8.78
CA ILE F 54 36.21 -25.57 9.66
C ILE F 54 36.66 -26.76 8.80
N LYS F 55 37.34 -27.70 9.45
CA LYS F 55 37.98 -28.81 8.76
C LYS F 55 36.94 -29.73 8.10
N GLY F 56 37.27 -30.23 6.91
CA GLY F 56 36.43 -31.21 6.23
C GLY F 56 35.08 -30.77 5.70
N GLN F 57 34.82 -29.47 5.57
CA GLN F 57 33.55 -28.99 5.01
C GLN F 57 33.77 -28.41 3.63
N LYS F 58 32.93 -28.84 2.69
CA LYS F 58 33.08 -28.44 1.31
C LYS F 58 32.80 -26.94 1.16
N TYR F 59 31.59 -26.50 1.53
CA TYR F 59 31.23 -25.10 1.43
C TYR F 59 30.41 -24.71 2.64
N LYS F 60 30.24 -23.39 2.80
CA LYS F 60 29.35 -22.78 3.78
C LYS F 60 27.92 -22.84 3.27
N LYS F 61 26.99 -22.53 4.15
CA LYS F 61 25.59 -22.61 3.80
C LYS F 61 25.18 -21.47 2.86
N ALA F 62 24.27 -21.77 1.92
CA ALA F 62 23.80 -20.78 0.96
C ALA F 62 23.20 -19.57 1.67
N HIS F 63 23.67 -18.38 1.27
CA HIS F 63 23.14 -17.14 1.83
C HIS F 63 23.18 -16.05 0.77
N TYR F 64 22.57 -14.92 1.11
CA TYR F 64 22.60 -13.72 0.30
C TYR F 64 23.12 -12.56 1.12
N HIS F 65 23.79 -11.61 0.47
CA HIS F 65 24.23 -10.36 1.08
C HIS F 65 23.44 -9.19 0.50
N VAL F 66 22.75 -8.45 1.39
CA VAL F 66 22.01 -7.24 1.01
C VAL F 66 22.82 -6.01 1.39
N LEU F 67 22.65 -4.95 0.60
CA LEU F 67 23.20 -3.63 0.88
C LEU F 67 22.02 -2.67 0.83
N TYR F 68 21.73 -2.03 1.96
CA TYR F 68 20.47 -1.37 2.19
C TYR F 68 20.77 0.10 2.39
N ILE F 69 20.17 0.95 1.58
CA ILE F 69 20.45 2.38 1.63
C ILE F 69 19.21 3.04 2.19
N ALA F 70 19.13 3.12 3.52
CA ALA F 70 17.99 3.71 4.19
C ALA F 70 17.84 5.18 3.78
N LYS F 71 16.60 5.68 3.80
CA LYS F 71 16.38 7.03 3.26
C LYS F 71 16.88 8.12 4.18
N ASN F 72 16.84 7.90 5.49
CA ASN F 72 17.31 8.87 6.48
C ASN F 72 17.99 8.11 7.59
N PRO F 73 18.85 8.77 8.37
CA PRO F 73 19.62 8.06 9.41
C PRO F 73 18.73 7.39 10.44
N VAL F 74 18.82 6.07 10.49
CA VAL F 74 18.15 5.23 11.46
C VAL F 74 19.17 4.25 12.00
N THR F 75 18.74 3.42 12.94
CA THR F 75 19.66 2.54 13.64
C THR F 75 19.50 1.12 13.08
N ALA F 76 20.60 0.37 13.13
CA ALA F 76 20.62 -1.01 12.65
C ALA F 76 19.32 -1.75 12.95
N ASP F 77 18.87 -1.71 14.20
CA ASP F 77 17.65 -2.39 14.60
C ASP F 77 16.42 -1.95 13.79
N SER F 78 16.32 -0.65 13.47
CA SER F 78 15.27 -0.20 12.56
C SER F 78 15.15 -1.11 11.34
N VAL F 79 16.24 -1.30 10.60
CA VAL F 79 16.14 -2.09 9.38
C VAL F 79 15.86 -3.54 9.71
N ARG F 80 16.49 -4.05 10.76
CA ARG F 80 16.26 -5.43 11.15
C ARG F 80 14.77 -5.68 11.35
N LYS F 81 14.12 -4.84 12.18
CA LYS F 81 12.70 -5.01 12.44
C LYS F 81 11.91 -4.90 11.13
N LYS F 82 12.23 -3.89 10.31
CA LYS F 82 11.55 -3.69 9.04
C LYS F 82 11.64 -4.93 8.16
N ILE F 83 12.74 -5.69 8.22
CA ILE F 83 12.92 -6.82 7.30
C ILE F 83 12.34 -8.09 7.90
N LYS F 84 12.45 -8.24 9.22
CA LYS F 84 11.80 -9.34 9.92
C LYS F 84 10.28 -9.30 9.69
N LEU F 85 9.70 -8.09 9.74
CA LEU F 85 8.30 -7.96 9.37
C LEU F 85 8.01 -8.37 7.93
N LEU F 86 8.92 -8.15 7.01
CA LEU F 86 8.52 -8.40 5.64
C LEU F 86 8.74 -9.88 5.28
N LEU F 87 9.89 -10.45 5.67
CA LEU F 87 10.30 -11.76 5.19
C LEU F 87 10.30 -12.84 6.26
N GLY F 88 9.83 -12.52 7.44
CA GLY F 88 9.84 -13.59 8.41
C GLY F 88 10.93 -13.33 9.40
N GLU F 89 10.68 -13.68 10.68
CA GLU F 89 11.70 -13.33 11.64
C GLU F 89 13.03 -13.98 11.25
N LYS F 90 12.99 -15.21 10.84
CA LYS F 90 14.23 -15.93 10.69
C LYS F 90 14.86 -15.69 9.32
N SER F 91 14.28 -14.75 8.55
CA SER F 91 14.78 -14.39 7.23
C SER F 91 16.23 -13.90 7.28
N LEU F 92 16.52 -12.94 8.15
CA LEU F 92 17.81 -12.25 8.11
C LEU F 92 18.69 -12.68 9.26
N ALA F 93 19.92 -12.21 9.21
CA ALA F 93 20.85 -12.42 10.30
C ALA F 93 21.97 -11.40 10.15
N MET F 94 22.58 -11.05 11.28
CA MET F 94 23.77 -10.21 11.33
C MET F 94 23.67 -8.92 10.49
N VAL F 95 22.67 -8.10 10.81
CA VAL F 95 22.60 -6.77 10.24
C VAL F 95 23.65 -5.89 10.91
N GLN F 96 24.46 -5.20 10.09
CA GLN F 96 25.59 -4.40 10.53
C GLN F 96 25.57 -3.04 9.83
N VAL F 97 26.33 -2.11 10.40
CA VAL F 97 26.54 -0.80 9.77
C VAL F 97 27.76 -0.89 8.87
N VAL F 98 27.64 -0.34 7.67
CA VAL F 98 28.73 -0.40 6.70
C VAL F 98 29.36 0.98 6.65
N LEU F 99 30.69 1.04 6.82
CA LEU F 99 31.38 2.31 6.91
C LEU F 99 31.79 2.79 5.53
N ASN F 100 32.16 1.88 4.66
CA ASN F 100 32.63 2.20 3.31
C ASN F 100 31.77 1.41 2.32
N VAL F 101 30.90 2.10 1.57
CA VAL F 101 29.99 1.40 0.66
C VAL F 101 30.76 0.81 -0.52
N GLU F 102 31.65 1.61 -1.12
CA GLU F 102 32.53 1.14 -2.17
C GLU F 102 33.14 -0.22 -1.82
N ASN F 103 33.71 -0.31 -0.62
CA ASN F 103 34.35 -1.55 -0.17
C ASN F 103 33.36 -2.71 -0.10
N MET F 104 32.21 -2.53 0.58
CA MET F 104 31.31 -3.66 0.70
C MET F 104 30.47 -3.93 -0.56
N TYR F 105 30.38 -3.00 -1.51
CA TYR F 105 29.74 -3.36 -2.77
C TYR F 105 30.58 -4.37 -3.55
N LEU F 106 31.90 -4.15 -3.59
CA LEU F 106 32.79 -5.11 -4.22
C LEU F 106 32.84 -6.42 -3.44
N TYR F 107 32.60 -6.37 -2.13
CA TYR F 107 32.54 -7.57 -1.31
C TYR F 107 31.33 -8.46 -1.66
N LEU F 108 30.30 -7.91 -2.33
CA LEU F 108 29.15 -8.72 -2.74
C LEU F 108 29.50 -9.78 -3.79
N THR F 109 30.57 -9.56 -4.54
CA THR F 109 31.09 -10.52 -5.49
C THR F 109 32.45 -11.06 -5.07
N HIS F 110 32.92 -10.71 -3.87
CA HIS F 110 34.27 -11.05 -3.36
C HIS F 110 35.38 -10.48 -4.26
N GLU F 111 35.11 -9.28 -4.80
CA GLU F 111 36.10 -8.51 -5.54
C GLU F 111 36.43 -7.23 -4.78
N SER F 112 36.17 -7.22 -3.45
CA SER F 112 36.55 -6.08 -2.62
C SER F 112 38.08 -6.22 -2.54
N LYS F 113 38.89 -5.30 -2.03
CA LYS F 113 40.30 -5.68 -2.08
C LYS F 113 40.83 -6.29 -0.77
N ASP F 114 39.99 -6.41 0.29
CA ASP F 114 40.58 -7.13 1.43
C ASP F 114 40.18 -8.61 1.17
N ALA F 115 39.11 -8.75 0.36
CA ALA F 115 38.49 -10.04 -0.01
C ALA F 115 39.31 -10.86 -1.02
N ILE F 116 39.78 -10.17 -2.08
CA ILE F 116 40.75 -10.76 -2.98
C ILE F 116 41.98 -11.14 -2.17
N ALA F 117 42.30 -10.34 -1.14
CA ALA F 117 43.45 -10.66 -0.28
C ALA F 117 43.27 -12.04 0.35
N LYS F 118 42.04 -12.33 0.81
CA LYS F 118 41.77 -13.58 1.52
C LYS F 118 41.38 -14.71 0.58
N LYS F 119 41.60 -14.48 -0.74
CA LYS F 119 41.49 -15.49 -1.81
C LYS F 119 40.07 -16.07 -1.93
N LYS F 120 39.02 -15.29 -1.58
CA LYS F 120 37.68 -15.91 -1.58
C LYS F 120 37.15 -16.01 -3.03
N HIS F 121 36.26 -17.01 -3.24
CA HIS F 121 35.77 -17.36 -4.59
C HIS F 121 34.79 -16.33 -5.20
N VAL F 122 35.10 -15.88 -6.45
CA VAL F 122 34.48 -14.73 -7.10
C VAL F 122 33.29 -15.10 -7.97
N TYR F 123 32.18 -14.43 -7.65
CA TYR F 123 30.91 -14.56 -8.34
C TYR F 123 30.87 -13.50 -9.44
N ASP F 124 29.85 -13.61 -10.29
CA ASP F 124 29.73 -12.76 -11.45
C ASP F 124 28.83 -11.58 -11.10
N LYS F 125 29.36 -10.36 -11.21
CA LYS F 125 28.57 -9.17 -10.94
C LYS F 125 27.27 -9.17 -11.74
N ALA F 126 27.31 -9.68 -12.98
CA ALA F 126 26.14 -9.65 -13.85
C ALA F 126 24.90 -10.22 -13.16
N ASP F 127 25.10 -11.17 -12.24
CA ASP F 127 24.02 -11.79 -11.50
C ASP F 127 23.48 -10.89 -10.39
N ILE F 128 24.23 -9.83 -10.02
CA ILE F 128 23.76 -8.87 -9.02
C ILE F 128 22.39 -8.32 -9.41
N LYS F 129 21.55 -8.09 -8.40
CA LYS F 129 20.23 -7.51 -8.54
C LYS F 129 20.23 -6.19 -7.78
N LEU F 130 19.89 -5.07 -8.44
CA LEU F 130 19.70 -3.82 -7.72
C LEU F 130 18.23 -3.45 -7.69
N ILE F 131 17.76 -3.11 -6.50
CA ILE F 131 16.36 -2.87 -6.24
C ILE F 131 16.18 -1.36 -6.21
N ASN F 132 15.20 -0.86 -6.96
CA ASN F 132 14.74 0.52 -6.85
C ASN F 132 15.88 1.55 -7.05
N ASN F 133 16.44 1.49 -8.25
CA ASN F 133 17.37 2.49 -8.80
C ASN F 133 18.66 2.63 -8.00
N PHE F 134 19.11 1.58 -7.33
CA PHE F 134 20.41 1.65 -6.65
C PHE F 134 21.49 2.10 -7.64
N ASP F 135 22.06 3.29 -7.43
CA ASP F 135 23.11 3.86 -8.28
C ASP F 135 24.38 4.06 -7.47
N ILE F 136 25.28 3.06 -7.53
CA ILE F 136 26.46 3.03 -6.66
C ILE F 136 27.29 4.31 -6.75
N ASP F 137 27.44 4.89 -7.95
CA ASP F 137 28.33 6.05 -8.11
C ASP F 137 27.91 7.27 -7.27
N ARG F 138 26.55 7.57 -7.15
CA ARG F 138 25.94 8.63 -6.28
C ARG F 138 26.24 8.41 -4.77
N TYR F 139 26.56 7.16 -4.35
CA TYR F 139 26.85 6.91 -2.92
C TYR F 139 28.33 7.05 -2.57
N VAL F 140 29.20 7.19 -3.56
CA VAL F 140 30.63 7.36 -3.31
C VAL F 140 30.93 8.85 -2.98
MN MN I . -66.94 21.83 -19.26
MN MN J . -29.98 6.86 -15.61
MN MN K . 67.82 -19.68 23.75
#